data_5XFT
#
_entry.id   5XFT
#
_cell.length_a   104.598
_cell.length_b   104.598
_cell.length_c   47.652
_cell.angle_alpha   90.00
_cell.angle_beta   90.00
_cell.angle_gamma   90.00
#
_symmetry.space_group_name_H-M   'P 41 21 2'
#
loop_
_entity.id
_entity.type
_entity.pdbx_description
1 polymer 'Dehydroascorbate reductase'
2 water water
#
_entity_poly.entity_id   1
_entity_poly.type   'polypeptide(L)'
_entity_poly.pdbx_seq_one_letter_code
;SNIVTTIYVKGDPAKNKLLDCPFCHRVLLAYEAKKLPYKMEYIDFDNKPAWLLEASGGKVPVIKEGPDAPYMPDSDVIVV
HLEKQHPEPSLQSSVPAEIGAKLFPNFRAILIGPAAEVADKVAALEEQLAGMDDYLRQHEAQGPLFGGQHLNGTDCSLAP
KLYHAVVALKHFKGWELPARFTALHKYLAALKALPEWQHVDYGTEAIIAGWERHIKH
;
_entity_poly.pdbx_strand_id   A
#
# COMPACT_ATOMS: atom_id res chain seq x y z
N SER A 1 8.65 3.96 22.06
CA SER A 1 9.93 4.63 21.87
C SER A 1 9.75 6.12 21.62
N ASN A 2 10.44 6.91 22.42
CA ASN A 2 10.55 8.34 22.20
C ASN A 2 11.75 8.71 21.34
N ILE A 3 12.48 7.71 20.84
CA ILE A 3 13.74 7.92 20.14
C ILE A 3 13.52 8.12 18.66
N VAL A 4 12.65 7.32 18.05
CA VAL A 4 12.36 7.40 16.63
C VAL A 4 10.87 7.61 16.43
N THR A 5 10.45 7.70 15.17
CA THR A 5 9.04 7.89 14.85
C THR A 5 8.25 6.62 15.14
N THR A 6 7.08 6.79 15.75
CA THR A 6 6.13 5.71 15.94
C THR A 6 5.11 5.68 14.80
N ILE A 7 4.88 4.51 14.24
CA ILE A 7 3.91 4.32 13.18
C ILE A 7 2.86 3.35 13.69
N TYR A 8 1.69 3.86 14.04
CA TYR A 8 0.55 3.04 14.43
C TYR A 8 -0.11 2.51 13.17
N VAL A 9 -0.12 1.17 13.07
CA VAL A 9 -0.61 0.45 11.90
C VAL A 9 -1.57 -0.63 12.38
N LYS A 10 -2.25 -1.27 11.41
CA LYS A 10 -3.15 -2.36 11.75
C LYS A 10 -2.32 -3.62 12.04
N GLY A 11 -2.53 -4.22 13.20
CA GLY A 11 -1.73 -5.36 13.56
C GLY A 11 -2.37 -6.20 14.64
N ASP A 12 -1.58 -7.15 15.14
CA ASP A 12 -1.98 -7.98 16.28
C ASP A 12 -1.00 -7.73 17.41
N PRO A 13 -1.32 -6.85 18.37
CA PRO A 13 -0.35 -6.57 19.43
C PRO A 13 0.02 -7.79 20.26
N ALA A 14 -0.91 -8.73 20.42
CA ALA A 14 -0.64 -9.93 21.19
C ALA A 14 0.33 -10.88 20.51
N LYS A 15 0.62 -10.67 19.22
CA LYS A 15 1.57 -11.52 18.52
C LYS A 15 2.68 -10.72 17.84
N ASN A 16 2.75 -9.41 18.07
CA ASN A 16 3.73 -8.54 17.43
C ASN A 16 3.71 -8.75 15.91
N LYS A 17 2.51 -8.86 15.35
CA LYS A 17 2.33 -9.26 13.96
C LYS A 17 1.67 -8.14 13.17
N LEU A 18 2.32 -7.72 12.08
CA LEU A 18 1.78 -6.72 11.17
C LEU A 18 0.66 -7.32 10.34
N LEU A 19 -0.40 -6.54 10.13
CA LEU A 19 -1.49 -7.00 9.28
C LEU A 19 -1.49 -6.21 7.96
N ASP A 20 -2.64 -6.17 7.29
CA ASP A 20 -2.70 -6.06 5.83
C ASP A 20 -3.11 -4.68 5.29
N CYS A 21 -3.25 -3.66 6.13
CA CYS A 21 -3.78 -2.39 5.64
C CYS A 21 -2.88 -1.80 4.56
N PRO A 22 -3.39 -1.55 3.36
CA PRO A 22 -2.53 -1.06 2.27
C PRO A 22 -2.06 0.37 2.45
N PHE A 23 -2.78 1.19 3.23
CA PHE A 23 -2.36 2.57 3.46
C PHE A 23 -1.24 2.64 4.49
N CYS A 24 -1.40 1.92 5.61
CA CYS A 24 -0.27 1.65 6.48
C CYS A 24 0.89 1.10 5.68
N HIS A 25 0.62 0.13 4.81
CA HIS A 25 1.68 -0.43 3.97
C HIS A 25 2.38 0.66 3.17
N ARG A 26 1.63 1.65 2.69
CA ARG A 26 2.22 2.72 1.90
C ARG A 26 3.16 3.57 2.75
N VAL A 27 2.72 3.95 3.96
CA VAL A 27 3.60 4.71 4.84
C VAL A 27 4.86 3.92 5.18
N LEU A 28 4.69 2.63 5.52
CA LEU A 28 5.84 1.79 5.87
C LEU A 28 6.83 1.67 4.72
N LEU A 29 6.33 1.43 3.50
CA LEU A 29 7.21 1.38 2.34
C LEU A 29 7.91 2.72 2.14
N ALA A 30 7.21 3.83 2.40
CA ALA A 30 7.86 5.14 2.29
C ALA A 30 9.03 5.26 3.26
N TYR A 31 8.84 4.83 4.51
CA TYR A 31 9.93 4.91 5.49
C TYR A 31 11.08 3.99 5.11
N GLU A 32 10.78 2.78 4.62
CA GLU A 32 11.84 1.87 4.21
C GLU A 32 12.62 2.42 3.02
N ALA A 33 11.93 3.08 2.08
CA ALA A 33 12.59 3.59 0.89
C ALA A 33 13.59 4.68 1.23
N LYS A 34 13.29 5.51 2.22
CA LYS A 34 14.20 6.53 2.69
C LYS A 34 15.12 6.04 3.81
N LYS A 35 15.11 4.75 4.10
CA LYS A 35 15.96 4.14 5.13
C LYS A 35 15.86 4.88 6.46
N LEU A 36 14.69 5.50 6.73
CA LEU A 36 14.46 6.17 7.99
C LEU A 36 14.05 5.15 9.05
N PRO A 37 14.58 5.25 10.25
CA PRO A 37 14.18 4.31 11.31
C PRO A 37 12.80 4.64 11.84
N TYR A 38 12.10 3.61 12.29
CA TYR A 38 10.76 3.78 12.83
C TYR A 38 10.48 2.60 13.76
N LYS A 39 9.43 2.75 14.56
CA LYS A 39 8.95 1.68 15.42
C LYS A 39 7.46 1.49 15.17
N MET A 40 7.04 0.26 14.89
CA MET A 40 5.64 -0.04 14.66
C MET A 40 4.92 -0.29 15.98
N GLU A 41 3.76 0.34 16.13
CA GLU A 41 2.81 0.05 17.19
C GLU A 41 1.56 -0.50 16.53
N TYR A 42 1.11 -1.68 16.96
CA TYR A 42 0.01 -2.38 16.32
C TYR A 42 -1.31 -2.01 16.98
N ILE A 43 -2.27 -1.63 16.16
CA ILE A 43 -3.63 -1.37 16.61
C ILE A 43 -4.46 -2.60 16.28
N ASP A 44 -5.10 -3.17 17.29
CA ASP A 44 -6.06 -4.24 17.10
C ASP A 44 -7.42 -3.62 16.77
N PHE A 45 -7.91 -3.86 15.56
CA PHE A 45 -9.15 -3.24 15.10
C PHE A 45 -10.36 -3.65 15.94
N ASP A 46 -10.25 -4.75 16.69
CA ASP A 46 -11.31 -5.16 17.60
C ASP A 46 -11.17 -4.54 18.98
N ASN A 47 -10.21 -3.62 19.16
CA ASN A 47 -9.96 -3.03 20.47
C ASN A 47 -9.13 -1.76 20.34
N LYS A 48 -9.65 -0.76 19.63
CA LYS A 48 -8.85 0.43 19.34
C LYS A 48 -8.84 1.35 20.54
N PRO A 49 -7.74 2.06 20.79
CA PRO A 49 -7.70 2.97 21.95
C PRO A 49 -8.56 4.19 21.69
N ALA A 50 -9.14 4.70 22.77
CA ALA A 50 -10.07 5.82 22.66
C ALA A 50 -9.42 7.06 22.05
N TRP A 51 -8.11 7.27 22.30
CA TRP A 51 -7.46 8.47 21.78
C TRP A 51 -7.38 8.43 20.26
N LEU A 52 -7.41 7.25 19.66
CA LEU A 52 -7.27 7.15 18.22
C LEU A 52 -8.52 7.66 17.50
N LEU A 53 -9.68 7.62 18.17
CA LEU A 53 -10.88 8.25 17.66
C LEU A 53 -10.68 9.75 17.47
N GLU A 54 -10.09 10.41 18.47
CA GLU A 54 -9.81 11.84 18.35
C GLU A 54 -8.68 12.12 17.36
N ALA A 55 -7.64 11.31 17.36
CA ALA A 55 -6.48 11.64 16.53
C ALA A 55 -6.80 11.46 15.06
N SER A 56 -7.65 10.49 14.72
CA SER A 56 -7.77 10.13 13.31
C SER A 56 -9.16 9.59 12.95
N GLY A 57 -10.16 9.73 13.81
CA GLY A 57 -11.43 9.08 13.55
C GLY A 57 -11.38 7.58 13.66
N GLY A 58 -10.39 7.03 14.37
CA GLY A 58 -10.28 5.60 14.54
C GLY A 58 -9.41 4.91 13.52
N LYS A 59 -8.73 5.66 12.67
CA LYS A 59 -8.06 5.11 11.50
C LYS A 59 -6.56 5.05 11.71
N VAL A 60 -5.95 4.21 10.91
CA VAL A 60 -4.51 4.08 10.80
C VAL A 60 -4.26 4.21 9.30
N PRO A 61 -3.04 4.59 8.91
CA PRO A 61 -1.84 4.87 9.72
C PRO A 61 -1.91 6.18 10.49
N VAL A 62 -1.21 6.20 11.61
CA VAL A 62 -0.92 7.44 12.32
C VAL A 62 0.57 7.42 12.63
N ILE A 63 1.23 8.57 12.56
CA ILE A 63 2.61 8.64 13.00
C ILE A 63 2.72 9.61 14.16
N LYS A 64 3.84 9.51 14.87
CA LYS A 64 4.11 10.33 16.04
C LYS A 64 5.63 10.43 16.14
N GLU A 65 6.17 11.58 15.74
CA GLU A 65 7.61 11.72 15.62
C GLU A 65 8.32 11.91 16.95
N GLY A 66 7.58 12.06 18.04
CA GLY A 66 8.18 12.26 19.34
C GLY A 66 7.20 12.82 20.34
N PRO A 67 7.68 13.00 21.58
CA PRO A 67 6.77 13.45 22.65
C PRO A 67 6.14 14.81 22.39
N ASP A 68 6.88 15.75 21.81
CA ASP A 68 6.37 17.08 21.55
C ASP A 68 5.59 17.16 20.23
N ALA A 69 5.68 16.15 19.38
CA ALA A 69 4.97 16.15 18.11
C ALA A 69 3.50 15.79 18.33
N PRO A 70 2.60 16.25 17.45
CA PRO A 70 1.22 15.78 17.49
C PRO A 70 1.10 14.48 16.71
N TYR A 71 -0.02 13.80 16.96
CA TYR A 71 -0.38 12.68 16.10
C TYR A 71 -0.76 13.20 14.72
N MET A 72 -0.30 12.51 13.67
CA MET A 72 -0.55 12.92 12.29
C MET A 72 -1.15 11.77 11.49
N PRO A 73 -2.43 11.82 11.14
CA PRO A 73 -3.04 10.72 10.37
C PRO A 73 -3.01 10.99 8.88
N ASP A 74 -3.64 10.09 8.10
CA ASP A 74 -3.76 10.18 6.64
C ASP A 74 -2.42 9.86 5.97
N SER A 75 -2.36 8.73 5.26
CA SER A 75 -1.11 8.34 4.61
C SER A 75 -0.63 9.38 3.60
N ASP A 76 -1.56 10.14 3.00
CA ASP A 76 -1.17 11.15 2.03
C ASP A 76 -0.44 12.30 2.71
N VAL A 77 -1.08 12.89 3.74
CA VAL A 77 -0.42 13.92 4.55
C VAL A 77 0.92 13.42 5.06
N ILE A 78 0.97 12.18 5.50
CA ILE A 78 2.20 11.64 6.08
C ILE A 78 3.30 11.57 5.03
N VAL A 79 3.02 11.03 3.85
CA VAL A 79 4.12 10.85 2.89
C VAL A 79 4.57 12.20 2.34
N VAL A 80 3.66 13.18 2.25
CA VAL A 80 4.08 14.50 1.76
C VAL A 80 4.91 15.23 2.81
N HIS A 81 4.45 15.20 4.06
CA HIS A 81 5.26 15.70 5.17
C HIS A 81 6.62 15.02 5.20
N LEU A 82 6.63 13.72 4.95
CA LEU A 82 7.87 12.96 4.90
C LEU A 82 8.80 13.52 3.83
N GLU A 83 8.26 13.75 2.62
CA GLU A 83 9.11 14.26 1.54
C GLU A 83 9.59 15.67 1.81
N LYS A 84 8.80 16.49 2.52
CA LYS A 84 9.24 17.84 2.83
C LYS A 84 10.35 17.83 3.87
N GLN A 85 10.21 17.00 4.92
CA GLN A 85 11.20 17.00 5.99
C GLN A 85 12.48 16.25 5.60
N HIS A 86 12.39 15.25 4.72
CA HIS A 86 13.53 14.44 4.32
C HIS A 86 13.59 14.34 2.80
N PRO A 87 14.12 15.36 2.13
CA PRO A 87 14.14 15.33 0.66
C PRO A 87 15.06 14.27 0.09
N GLU A 88 16.06 13.83 0.83
CA GLU A 88 16.89 12.69 0.45
C GLU A 88 16.75 11.50 1.41
N PRO A 89 16.57 10.28 0.88
CA PRO A 89 16.40 9.87 -0.53
C PRO A 89 15.04 10.30 -1.06
N SER A 90 14.99 10.73 -2.31
CA SER A 90 13.75 11.29 -2.84
C SER A 90 12.79 10.18 -3.29
N LEU A 91 11.50 10.49 -3.17
CA LEU A 91 10.42 9.61 -3.63
C LEU A 91 9.47 10.34 -4.57
N GLN A 92 9.90 11.47 -5.12
CA GLN A 92 9.05 12.22 -6.02
C GLN A 92 8.92 11.49 -7.36
N SER A 93 7.81 11.74 -8.04
CA SER A 93 7.38 10.87 -9.12
C SER A 93 6.97 11.69 -10.34
N SER A 94 7.36 11.22 -11.52
CA SER A 94 6.88 11.79 -12.76
C SER A 94 5.58 11.17 -13.24
N VAL A 95 5.13 10.09 -12.60
CA VAL A 95 3.95 9.35 -13.06
C VAL A 95 2.71 10.23 -12.97
N PRO A 96 1.89 10.31 -14.02
CA PRO A 96 0.64 11.08 -13.94
C PRO A 96 -0.29 10.54 -12.86
N ALA A 97 -1.07 11.47 -12.30
CA ALA A 97 -1.94 11.13 -11.17
C ALA A 97 -3.02 10.12 -11.56
N GLU A 98 -3.55 10.22 -12.78
CA GLU A 98 -4.72 9.43 -13.16
C GLU A 98 -4.44 7.93 -13.18
N ILE A 99 -3.16 7.54 -13.18
CA ILE A 99 -2.78 6.14 -13.37
C ILE A 99 -2.84 5.41 -12.03
N GLY A 100 -3.51 4.26 -12.02
CA GLY A 100 -3.77 3.55 -10.78
C GLY A 100 -4.76 4.24 -9.88
N ALA A 101 -5.39 5.33 -10.35
CA ALA A 101 -6.28 6.09 -9.49
C ALA A 101 -7.54 5.32 -9.11
N LYS A 102 -7.94 4.32 -9.90
CA LYS A 102 -9.13 3.54 -9.61
C LYS A 102 -8.84 2.05 -9.53
N LEU A 103 -7.57 1.67 -9.41
CA LEU A 103 -7.22 0.27 -9.22
C LEU A 103 -7.93 -0.30 -8.00
N PHE A 104 -7.69 0.30 -6.83
CA PHE A 104 -8.27 -0.20 -5.59
C PHE A 104 -9.78 -0.10 -5.57
N PRO A 105 -10.42 1.03 -5.95
CA PRO A 105 -11.88 1.06 -5.93
C PRO A 105 -12.54 0.04 -6.85
N ASN A 106 -12.01 -0.16 -8.06
CA ASN A 106 -12.59 -1.14 -8.97
C ASN A 106 -12.43 -2.54 -8.42
N PHE A 107 -11.23 -2.85 -7.93
CA PHE A 107 -10.95 -4.16 -7.34
C PHE A 107 -11.84 -4.43 -6.14
N ARG A 108 -12.10 -3.41 -5.33
CA ARG A 108 -13.00 -3.57 -4.22
C ARG A 108 -14.44 -3.76 -4.69
N ALA A 109 -14.88 -2.95 -5.66
CA ALA A 109 -16.24 -3.11 -6.17
C ALA A 109 -16.44 -4.48 -6.78
N ILE A 110 -15.37 -5.10 -7.27
CA ILE A 110 -15.44 -6.47 -7.75
C ILE A 110 -15.61 -7.42 -6.57
N LEU A 111 -14.83 -7.23 -5.50
CA LEU A 111 -14.90 -8.18 -4.40
C LEU A 111 -16.23 -8.10 -3.66
N ILE A 112 -16.73 -6.90 -3.38
CA ILE A 112 -17.81 -6.75 -2.42
C ILE A 112 -18.94 -5.88 -2.96
N GLY A 113 -19.07 -5.80 -4.28
CA GLY A 113 -20.08 -4.97 -4.89
C GLY A 113 -21.28 -5.75 -5.39
N PRO A 114 -22.29 -5.03 -5.88
CA PRO A 114 -23.45 -5.70 -6.50
C PRO A 114 -23.06 -6.41 -7.79
N ALA A 115 -23.74 -7.54 -8.03
CA ALA A 115 -23.37 -8.38 -9.16
C ALA A 115 -23.63 -7.69 -10.49
N ALA A 116 -24.64 -6.82 -10.56
CA ALA A 116 -25.03 -6.23 -11.83
C ALA A 116 -23.93 -5.34 -12.40
N GLU A 117 -23.15 -4.68 -11.55
CA GLU A 117 -22.07 -3.80 -11.99
C GLU A 117 -20.73 -4.52 -12.09
N VAL A 118 -20.69 -5.84 -11.84
CA VAL A 118 -19.41 -6.53 -11.75
C VAL A 118 -18.69 -6.53 -13.09
N ALA A 119 -19.43 -6.85 -14.16
CA ALA A 119 -18.80 -6.88 -15.49
C ALA A 119 -18.14 -5.54 -15.82
N ASP A 120 -18.84 -4.44 -15.56
CA ASP A 120 -18.27 -3.12 -15.81
C ASP A 120 -17.04 -2.89 -14.96
N LYS A 121 -17.10 -3.26 -13.67
CA LYS A 121 -15.96 -3.04 -12.78
C LYS A 121 -14.74 -3.85 -13.23
N VAL A 122 -14.96 -5.07 -13.71
CA VAL A 122 -13.88 -5.86 -14.28
C VAL A 122 -13.25 -5.12 -15.44
N ALA A 123 -14.08 -4.58 -16.34
CA ALA A 123 -13.54 -3.84 -17.47
C ALA A 123 -12.69 -2.66 -17.02
N ALA A 124 -13.23 -1.85 -16.09
CA ALA A 124 -12.51 -0.68 -15.61
C ALA A 124 -11.19 -1.07 -14.94
N LEU A 125 -11.23 -2.10 -14.10
CA LEU A 125 -10.00 -2.60 -13.47
C LEU A 125 -8.96 -2.91 -14.53
N GLU A 126 -9.36 -3.58 -15.61
CA GLU A 126 -8.36 -3.97 -16.60
C GLU A 126 -7.84 -2.76 -17.36
N GLU A 127 -8.65 -1.70 -17.49
CA GLU A 127 -8.10 -0.46 -18.02
C GLU A 127 -7.02 0.12 -17.09
N GLN A 128 -7.25 0.06 -15.78
CA GLN A 128 -6.24 0.53 -14.83
C GLN A 128 -4.94 -0.27 -14.95
N LEU A 129 -5.05 -1.60 -14.89
CA LEU A 129 -3.87 -2.45 -15.02
C LEU A 129 -3.18 -2.24 -16.36
N ALA A 130 -3.95 -1.91 -17.39
CA ALA A 130 -3.36 -1.62 -18.70
C ALA A 130 -2.54 -0.34 -18.64
N GLY A 131 -3.09 0.72 -18.05
CA GLY A 131 -2.35 1.96 -17.86
C GLY A 131 -1.02 1.74 -17.15
N MET A 132 -1.07 1.09 -15.98
CA MET A 132 0.16 0.83 -15.24
C MET A 132 1.15 0.01 -16.07
N ASP A 133 0.64 -1.03 -16.74
CA ASP A 133 1.49 -1.93 -17.50
C ASP A 133 2.20 -1.19 -18.64
N ASP A 134 1.43 -0.42 -19.42
CA ASP A 134 2.01 0.38 -20.49
C ASP A 134 3.05 1.34 -19.94
N TYR A 135 2.71 2.05 -18.86
CA TYR A 135 3.67 3.00 -18.29
C TYR A 135 4.98 2.31 -17.94
N LEU A 136 4.90 1.22 -17.19
CA LEU A 136 6.13 0.52 -16.80
C LEU A 136 6.90 0.03 -18.02
N ARG A 137 6.20 -0.29 -19.11
CA ARG A 137 6.90 -0.73 -20.32
C ARG A 137 7.64 0.41 -21.00
N GLN A 138 6.98 1.57 -21.15
CA GLN A 138 7.64 2.69 -21.81
C GLN A 138 8.81 3.24 -21.03
N HIS A 139 8.91 2.92 -19.73
CA HIS A 139 9.98 3.41 -18.88
C HIS A 139 10.92 2.31 -18.42
N GLU A 140 10.83 1.11 -19.05
CA GLU A 140 11.57 -0.03 -18.53
C GLU A 140 13.08 0.11 -18.68
N ALA A 141 13.56 1.04 -19.49
CA ALA A 141 15.00 1.31 -19.51
C ALA A 141 15.47 1.92 -18.21
N GLN A 142 14.60 2.69 -17.55
CA GLN A 142 14.96 3.29 -16.28
C GLN A 142 14.95 2.26 -15.15
N GLY A 143 14.18 1.18 -15.32
CA GLY A 143 14.04 0.17 -14.29
C GLY A 143 12.64 -0.41 -14.24
N PRO A 144 12.47 -1.50 -13.48
CA PRO A 144 11.17 -2.18 -13.45
C PRO A 144 10.13 -1.56 -12.53
N LEU A 145 10.51 -0.64 -11.65
CA LEU A 145 9.58 0.06 -10.78
C LEU A 145 9.25 1.43 -11.35
N PHE A 146 8.17 2.01 -10.83
CA PHE A 146 7.83 3.38 -11.21
C PHE A 146 8.93 4.36 -10.88
N GLY A 147 9.80 4.02 -9.91
CA GLY A 147 10.95 4.84 -9.59
C GLY A 147 12.22 4.23 -10.13
N GLY A 148 12.11 3.62 -11.32
CA GLY A 148 13.23 2.97 -11.95
C GLY A 148 13.74 1.78 -11.17
N GLN A 149 14.87 1.96 -10.49
CA GLN A 149 15.51 0.88 -9.77
C GLN A 149 15.10 0.80 -8.31
N HIS A 150 14.52 1.87 -7.75
CA HIS A 150 14.19 1.94 -6.35
C HIS A 150 12.75 2.40 -6.18
N LEU A 151 12.26 2.28 -4.95
CA LEU A 151 10.86 2.58 -4.66
C LEU A 151 10.56 4.05 -4.86
N ASN A 152 9.35 4.30 -5.36
CA ASN A 152 8.85 5.62 -5.70
C ASN A 152 7.62 5.92 -4.84
N GLY A 153 7.22 7.18 -4.79
CA GLY A 153 5.96 7.50 -4.14
C GLY A 153 4.79 6.78 -4.76
N THR A 154 4.84 6.60 -6.09
CA THR A 154 3.84 5.83 -6.81
C THR A 154 3.96 4.34 -6.51
N ASP A 155 5.19 3.84 -6.37
CA ASP A 155 5.38 2.46 -5.91
C ASP A 155 4.77 2.28 -4.53
N CYS A 156 5.03 3.23 -3.62
CA CYS A 156 4.54 3.11 -2.25
C CYS A 156 3.02 3.16 -2.19
N SER A 157 2.38 3.92 -3.08
CA SER A 157 0.92 3.98 -3.07
C SER A 157 0.28 2.80 -3.79
N LEU A 158 0.86 2.38 -4.93
CA LEU A 158 0.17 1.46 -5.82
C LEU A 158 0.57 0.01 -5.60
N ALA A 159 1.80 -0.25 -5.18
CA ALA A 159 2.22 -1.63 -4.98
C ALA A 159 1.39 -2.36 -3.91
N PRO A 160 1.05 -1.77 -2.76
CA PRO A 160 0.14 -2.48 -1.85
C PRO A 160 -1.23 -2.74 -2.44
N LYS A 161 -1.81 -1.77 -3.15
CA LYS A 161 -3.11 -1.98 -3.78
C LYS A 161 -3.05 -3.12 -4.79
N LEU A 162 -1.98 -3.17 -5.60
CA LEU A 162 -1.85 -4.25 -6.57
C LEU A 162 -1.66 -5.60 -5.87
N TYR A 163 -0.90 -5.61 -4.77
CA TYR A 163 -0.73 -6.81 -3.96
C TYR A 163 -2.09 -7.36 -3.53
N HIS A 164 -2.89 -6.50 -2.89
CA HIS A 164 -4.23 -6.90 -2.50
C HIS A 164 -5.05 -7.37 -3.70
N ALA A 165 -4.90 -6.69 -4.84
CA ALA A 165 -5.71 -7.04 -6.01
C ALA A 165 -5.42 -8.45 -6.49
N VAL A 166 -4.15 -8.77 -6.74
CA VAL A 166 -3.84 -10.08 -7.29
C VAL A 166 -4.13 -11.18 -6.26
N VAL A 167 -3.74 -10.97 -5.00
CA VAL A 167 -3.93 -12.01 -4.00
C VAL A 167 -5.41 -12.26 -3.75
N ALA A 168 -6.14 -11.21 -3.39
CA ALA A 168 -7.54 -11.36 -3.03
C ALA A 168 -8.38 -11.82 -4.21
N LEU A 169 -8.13 -11.27 -5.40
CA LEU A 169 -8.93 -11.67 -6.55
C LEU A 169 -8.67 -13.12 -6.92
N LYS A 170 -7.40 -13.56 -6.86
CA LYS A 170 -7.11 -14.96 -7.13
C LYS A 170 -7.78 -15.86 -6.11
N HIS A 171 -7.86 -15.42 -4.85
CA HIS A 171 -8.40 -16.31 -3.83
C HIS A 171 -9.93 -16.39 -3.86
N PHE A 172 -10.60 -15.24 -4.00
CA PHE A 172 -12.04 -15.18 -3.90
C PHE A 172 -12.76 -15.36 -5.24
N LYS A 173 -12.08 -15.13 -6.36
CA LYS A 173 -12.73 -15.13 -7.65
C LYS A 173 -12.02 -15.98 -8.70
N GLY A 174 -10.86 -16.55 -8.38
CA GLY A 174 -10.10 -17.29 -9.37
C GLY A 174 -9.54 -16.39 -10.45
N TRP A 175 -9.81 -15.09 -10.35
CA TRP A 175 -9.26 -14.12 -11.27
C TRP A 175 -7.74 -14.17 -11.26
N GLU A 176 -7.13 -13.85 -12.39
CA GLU A 176 -5.68 -13.90 -12.48
C GLU A 176 -5.17 -12.71 -13.28
N LEU A 177 -3.95 -12.30 -12.97
CA LEU A 177 -3.28 -11.24 -13.71
C LEU A 177 -2.85 -11.77 -15.06
N PRO A 178 -3.41 -11.29 -16.17
CA PRO A 178 -3.06 -11.84 -17.48
C PRO A 178 -1.56 -11.84 -17.73
N ALA A 179 -1.09 -12.89 -18.41
CA ALA A 179 0.32 -13.02 -18.74
C ALA A 179 0.79 -11.98 -19.73
N ARG A 180 -0.12 -11.33 -20.45
CA ARG A 180 0.27 -10.29 -21.38
C ARG A 180 0.72 -9.01 -20.70
N PHE A 181 0.22 -8.73 -19.50
CA PHE A 181 0.72 -7.62 -18.69
C PHE A 181 2.12 -7.98 -18.20
N THR A 182 3.07 -8.10 -19.13
CA THR A 182 4.43 -8.52 -18.81
C THR A 182 5.06 -7.61 -17.76
N ALA A 183 4.93 -6.30 -17.96
CA ALA A 183 5.58 -5.33 -17.07
C ALA A 183 4.99 -5.39 -15.66
N LEU A 184 3.72 -5.78 -15.53
CA LEU A 184 3.14 -5.94 -14.20
C LEU A 184 3.72 -7.17 -13.50
N HIS A 185 3.95 -8.25 -14.25
CA HIS A 185 4.50 -9.46 -13.62
C HIS A 185 5.93 -9.24 -13.17
N LYS A 186 6.76 -8.64 -14.05
CA LYS A 186 8.12 -8.35 -13.60
C LYS A 186 8.14 -7.26 -12.55
N TYR A 187 7.13 -6.36 -12.53
CA TYR A 187 7.01 -5.42 -11.43
C TYR A 187 6.81 -6.16 -10.11
N LEU A 188 5.90 -7.14 -10.09
CA LEU A 188 5.68 -7.90 -8.86
C LEU A 188 6.94 -8.66 -8.46
N ALA A 189 7.60 -9.32 -9.40
CA ALA A 189 8.84 -10.03 -9.07
C ALA A 189 9.89 -9.07 -8.52
N ALA A 190 10.01 -7.88 -9.12
CA ALA A 190 10.98 -6.89 -8.66
C ALA A 190 10.66 -6.44 -7.23
N LEU A 191 9.39 -6.16 -6.94
CA LEU A 191 9.01 -5.76 -5.59
C LEU A 191 9.31 -6.86 -4.59
N LYS A 192 8.97 -8.10 -4.93
CA LYS A 192 9.25 -9.21 -4.04
C LYS A 192 10.75 -9.41 -3.84
N ALA A 193 11.58 -8.93 -4.77
CA ALA A 193 13.02 -9.01 -4.56
C ALA A 193 13.55 -7.93 -3.61
N LEU A 194 12.83 -6.83 -3.43
CA LEU A 194 13.36 -5.69 -2.70
C LEU A 194 13.41 -5.96 -1.20
N PRO A 195 14.53 -5.67 -0.53
CA PRO A 195 14.54 -5.76 0.94
C PRO A 195 13.57 -4.81 1.61
N GLU A 196 13.34 -3.62 1.03
CA GLU A 196 12.34 -2.71 1.58
C GLU A 196 10.97 -3.36 1.60
N TRP A 197 10.62 -4.07 0.54
CA TRP A 197 9.35 -4.80 0.49
C TRP A 197 9.37 -5.97 1.47
N GLN A 198 10.49 -6.70 1.52
CA GLN A 198 10.58 -7.86 2.40
C GLN A 198 10.43 -7.48 3.87
N HIS A 199 10.85 -6.27 4.24
CA HIS A 199 10.83 -5.91 5.65
C HIS A 199 9.40 -5.79 6.18
N VAL A 200 8.45 -5.46 5.31
CA VAL A 200 7.11 -5.12 5.76
C VAL A 200 6.06 -5.91 4.98
N ASP A 201 6.42 -7.11 4.53
CA ASP A 201 5.47 -7.99 3.85
C ASP A 201 4.65 -8.73 4.91
N TYR A 202 3.35 -8.44 4.96
CA TYR A 202 2.47 -9.09 5.92
C TYR A 202 1.98 -10.46 5.43
N GLY A 203 2.04 -10.74 4.14
CA GLY A 203 1.70 -12.06 3.64
C GLY A 203 0.28 -12.14 3.09
N THR A 204 0.03 -13.22 2.34
CA THR A 204 -1.23 -13.33 1.60
C THR A 204 -2.40 -13.72 2.50
N GLU A 205 -2.15 -14.51 3.55
CA GLU A 205 -3.24 -14.86 4.44
C GLU A 205 -3.74 -13.63 5.20
N ALA A 206 -2.82 -12.73 5.57
CA ALA A 206 -3.27 -11.49 6.17
C ALA A 206 -4.24 -10.75 5.26
N ILE A 207 -3.93 -10.73 3.95
CA ILE A 207 -4.83 -10.09 2.99
C ILE A 207 -6.17 -10.82 2.94
N ILE A 208 -6.12 -12.16 2.83
CA ILE A 208 -7.34 -12.96 2.74
C ILE A 208 -8.19 -12.75 3.98
N ALA A 209 -7.60 -12.85 5.16
CA ALA A 209 -8.33 -12.66 6.40
C ALA A 209 -8.89 -11.25 6.50
N GLY A 210 -8.11 -10.25 6.07
CA GLY A 210 -8.61 -8.89 6.06
C GLY A 210 -9.89 -8.76 5.24
N TRP A 211 -9.91 -9.38 4.07
CA TRP A 211 -11.06 -9.22 3.18
C TRP A 211 -12.22 -10.14 3.55
N GLU A 212 -11.94 -11.33 4.10
CA GLU A 212 -13.00 -12.20 4.62
C GLU A 212 -13.86 -11.47 5.64
N ARG A 213 -13.28 -10.53 6.39
CA ARG A 213 -14.03 -9.66 7.28
C ARG A 213 -15.16 -8.92 6.58
N HIS A 214 -15.21 -8.94 5.24
CA HIS A 214 -16.30 -8.29 4.49
C HIS A 214 -16.88 -9.15 3.39
N ILE A 215 -16.34 -10.35 3.14
CA ILE A 215 -17.00 -11.34 2.30
C ILE A 215 -16.91 -12.70 2.98
#